data_3JWP
#
_entry.id   3JWP
#
_cell.length_a   106.564
_cell.length_b   106.564
_cell.length_c   44.968
_cell.angle_alpha   90.00
_cell.angle_beta   90.00
_cell.angle_gamma   120.00
#
_symmetry.space_group_name_H-M   'P 6'
#
loop_
_entity.id
_entity.type
_entity.pdbx_description
1 polymer 'Transcriptional regulatory protein sir2 homologue'
2 non-polymer 'ADENOSINE MONOPHOSPHATE'
3 non-polymer 'ZINC ION'
4 non-polymer 'TRIETHYLENE GLYCOL'
5 water water
#
_entity_poly.entity_id   1
_entity_poly.type   'polypeptide(L)'
_entity_poly.pdbx_seq_one_letter_code
;GKKDTQSITLEELAKIIKKCKHVVALTGSGTSAESNIPSFRGSSNSIWSKYDPRIYGTIWGFWKYPEKIWEVIRDISSDY
EIEINNGHVALSTLESLGYLKSVVTQNVDGLHEASGNTKVISLHGNVFEAVCCTCNKIVKLNKI(MSE)LQKTSHF
(MSE)HQLPPECPCGGIFKPNIILFGEVVSSDLLKEAEEEIAKCDLLLVIGTSSTVSTATNLCHFACKKKKKIVEINISK
TYITNK(MSE)SDYHVCAKFSELTKVANILKGSSEKNKKI(MSE)
;
_entity_poly.pdbx_strand_id   A
#
# COMPACT_ATOMS: atom_id res chain seq x y z
N LYS A 2 20.58 15.40 3.09
CA LYS A 2 21.41 14.38 3.82
C LYS A 2 21.30 14.65 5.32
N LYS A 3 21.30 13.58 6.11
CA LYS A 3 21.34 13.66 7.57
C LYS A 3 21.61 12.28 8.17
N ASP A 4 21.77 12.21 9.49
CA ASP A 4 22.08 10.96 10.17
C ASP A 4 20.81 10.18 10.52
N THR A 5 20.69 8.96 10.00
CA THR A 5 19.61 8.04 10.38
C THR A 5 20.16 6.99 11.34
N GLN A 6 19.73 7.08 12.60
CA GLN A 6 20.21 6.17 13.62
C GLN A 6 19.31 4.95 13.70
N SER A 7 19.91 3.76 13.61
CA SER A 7 19.18 2.52 13.79
C SER A 7 18.76 2.39 15.24
N ILE A 8 17.50 2.01 15.46
CA ILE A 8 17.00 1.71 16.79
C ILE A 8 16.32 0.35 16.80
N THR A 9 15.89 -0.09 17.97
CA THR A 9 15.26 -1.40 18.17
C THR A 9 13.74 -1.24 18.20
N LEU A 10 13.05 -2.36 18.00
CA LEU A 10 11.59 -2.40 18.09
C LEU A 10 11.10 -1.79 19.41
N GLU A 11 11.83 -2.05 20.48
CA GLU A 11 11.43 -1.60 21.81
C GLU A 11 11.74 -0.12 21.99
N GLU A 12 12.72 0.36 21.23
CA GLU A 12 13.05 1.78 21.22
C GLU A 12 11.93 2.52 20.50
N LEU A 13 11.54 1.99 19.35
CA LEU A 13 10.42 2.53 18.59
C LEU A 13 9.18 2.65 19.46
N ALA A 14 8.87 1.58 20.18
CA ALA A 14 7.74 1.57 21.11
C ALA A 14 7.77 2.77 22.06
N LYS A 15 8.95 3.06 22.58
CA LYS A 15 9.16 4.18 23.50
C LYS A 15 8.90 5.52 22.82
N ILE A 16 9.19 5.58 21.53
CA ILE A 16 8.92 6.78 20.73
C ILE A 16 7.42 6.96 20.50
N ILE A 17 6.76 5.89 20.10
CA ILE A 17 5.33 5.92 19.81
C ILE A 17 4.53 6.27 21.07
N LYS A 18 4.91 5.69 22.20
CA LYS A 18 4.23 5.95 23.48
C LYS A 18 4.05 7.45 23.77
N LYS A 19 5.01 8.26 23.33
CA LYS A 19 4.97 9.70 23.58
C LYS A 19 4.09 10.45 22.57
N CYS A 20 3.84 9.84 21.41
CA CYS A 20 3.09 10.53 20.33
C CYS A 20 1.58 10.39 20.42
N LYS A 21 0.88 11.28 19.72
CA LYS A 21 -0.58 11.36 19.76
C LYS A 21 -1.28 11.29 18.40
N HIS A 22 -0.53 11.30 17.30
CA HIS A 22 -1.13 11.34 15.96
C HIS A 22 -0.20 10.70 14.93
N VAL A 23 -0.12 9.37 14.98
CA VAL A 23 0.82 8.62 14.15
C VAL A 23 0.20 8.28 12.79
N VAL A 24 0.94 8.52 11.71
CA VAL A 24 0.51 8.12 10.37
C VAL A 24 1.49 7.08 9.84
N ALA A 25 0.97 6.04 9.19
CA ALA A 25 1.79 5.00 8.57
C ALA A 25 1.77 5.11 7.05
N LEU A 26 2.95 5.10 6.43
CA LEU A 26 3.11 5.09 4.98
C LEU A 26 3.54 3.67 4.63
N THR A 27 2.74 2.98 3.81
CA THR A 27 2.97 1.56 3.53
C THR A 27 3.02 1.24 2.04
N GLY A 28 3.94 0.35 1.67
CA GLY A 28 4.07 -0.15 0.32
C GLY A 28 4.06 -1.67 0.30
N SER A 29 4.59 -2.25 -0.77
CA SER A 29 4.54 -3.70 -0.98
C SER A 29 5.20 -4.53 0.13
N GLY A 30 6.14 -3.93 0.86
CA GLY A 30 6.73 -4.59 2.02
C GLY A 30 5.72 -5.05 3.06
N THR A 31 4.61 -4.33 3.22
CA THR A 31 3.58 -4.74 4.21
C THR A 31 2.71 -5.90 3.74
N SER A 32 2.73 -6.20 2.45
CA SER A 32 1.91 -7.27 1.90
C SER A 32 2.69 -8.53 1.51
N ALA A 33 4.01 -8.45 1.50
CA ALA A 33 4.86 -9.57 1.09
C ALA A 33 4.57 -10.84 1.90
N GLU A 34 4.33 -10.69 3.19
CA GLU A 34 4.02 -11.82 4.05
C GLU A 34 2.57 -12.29 3.95
N SER A 35 1.82 -11.69 3.02
CA SER A 35 0.50 -12.17 2.64
C SER A 35 0.56 -12.77 1.24
N ASN A 36 1.77 -13.05 0.76
CA ASN A 36 2.02 -13.65 -0.55
C ASN A 36 1.58 -12.81 -1.75
N ILE A 37 1.39 -11.52 -1.55
CA ILE A 37 1.15 -10.62 -2.68
C ILE A 37 2.51 -10.25 -3.26
N PRO A 38 2.75 -10.56 -4.55
CA PRO A 38 4.04 -10.18 -5.14
C PRO A 38 4.20 -8.67 -5.28
N SER A 39 5.45 -8.21 -5.29
CA SER A 39 5.72 -6.79 -5.53
C SER A 39 5.57 -6.47 -7.02
N PHE A 40 5.78 -5.20 -7.37
CA PHE A 40 5.56 -4.72 -8.73
C PHE A 40 6.76 -3.91 -9.24
N ARG A 41 7.94 -4.17 -8.67
CA ARG A 41 9.18 -3.58 -9.15
C ARG A 41 10.15 -4.71 -9.54
N GLY A 42 11.43 -4.59 -9.20
CA GLY A 42 12.41 -5.63 -9.51
C GLY A 42 13.01 -6.25 -8.25
N SER A 43 12.18 -6.52 -7.25
CA SER A 43 12.67 -6.96 -5.94
C SER A 43 12.84 -8.47 -5.79
N SER A 44 12.89 -9.22 -6.90
CA SER A 44 13.14 -10.67 -6.86
C SER A 44 11.88 -11.48 -6.55
N ASN A 45 11.07 -10.98 -5.62
CA ASN A 45 9.74 -11.52 -5.35
C ASN A 45 8.69 -10.86 -6.24
N SER A 46 9.12 -10.32 -7.39
CA SER A 46 8.27 -9.47 -8.21
C SER A 46 7.33 -10.25 -9.13
N ILE A 47 6.19 -9.64 -9.40
CA ILE A 47 5.18 -10.16 -10.30
C ILE A 47 5.65 -10.16 -11.77
N TRP A 48 6.68 -9.38 -12.08
CA TRP A 48 7.14 -9.26 -13.45
C TRP A 48 8.05 -10.40 -13.90
N SER A 49 8.30 -11.38 -13.02
CA SER A 49 8.83 -12.67 -13.46
C SER A 49 7.82 -13.32 -14.41
N LYS A 50 6.55 -13.29 -14.02
CA LYS A 50 5.48 -14.00 -14.72
C LYS A 50 4.86 -13.25 -15.90
N TYR A 51 4.72 -11.93 -15.80
CA TYR A 51 4.03 -11.16 -16.82
C TYR A 51 4.89 -10.03 -17.37
N ASP A 52 4.67 -9.71 -18.66
CA ASP A 52 5.37 -8.61 -19.33
C ASP A 52 4.70 -7.29 -18.92
N PRO A 53 5.45 -6.38 -18.27
CA PRO A 53 4.85 -5.13 -17.81
C PRO A 53 4.42 -4.21 -18.94
N ARG A 54 5.08 -4.33 -20.09
CA ARG A 54 4.82 -3.51 -21.27
C ARG A 54 3.40 -3.71 -21.78
N ILE A 55 2.90 -4.93 -21.66
CA ILE A 55 1.59 -5.32 -22.15
C ILE A 55 0.55 -5.44 -21.03
N TYR A 56 0.96 -5.91 -19.86
CA TYR A 56 0.01 -6.22 -18.78
C TYR A 56 -0.22 -5.07 -17.80
N GLY A 57 0.67 -4.08 -17.78
CA GLY A 57 0.65 -3.05 -16.73
C GLY A 57 0.54 -1.58 -17.12
N THR A 58 0.32 -1.29 -18.41
CA THR A 58 0.30 0.09 -18.89
C THR A 58 -1.09 0.49 -19.40
N ILE A 59 -1.43 1.78 -19.35
CA ILE A 59 -2.75 2.23 -19.86
C ILE A 59 -2.87 1.99 -21.35
N TRP A 60 -1.80 2.23 -22.11
CA TRP A 60 -1.85 1.96 -23.56
C TRP A 60 -1.91 0.45 -23.80
N GLY A 61 -1.29 -0.33 -22.92
CA GLY A 61 -1.44 -1.78 -22.95
C GLY A 61 -2.86 -2.22 -22.62
N PHE A 62 -3.53 -1.45 -21.75
CA PHE A 62 -4.91 -1.74 -21.39
C PHE A 62 -5.86 -1.34 -22.50
N TRP A 63 -5.62 -0.17 -23.11
CA TRP A 63 -6.50 0.32 -24.17
C TRP A 63 -6.61 -0.69 -25.30
N LYS A 64 -5.50 -1.35 -25.63
CA LYS A 64 -5.45 -2.28 -26.75
C LYS A 64 -5.84 -3.71 -26.34
N TYR A 65 -5.45 -4.12 -25.13
CA TYR A 65 -5.74 -5.49 -24.65
C TYR A 65 -6.24 -5.47 -23.22
N PRO A 66 -7.45 -4.92 -23.00
CA PRO A 66 -8.01 -4.72 -21.66
C PRO A 66 -8.18 -5.99 -20.81
N GLU A 67 -8.18 -7.16 -21.44
CA GLU A 67 -8.35 -8.41 -20.70
C GLU A 67 -7.14 -8.74 -19.82
N LYS A 68 -5.97 -8.27 -20.23
CA LYS A 68 -4.73 -8.81 -19.69
C LYS A 68 -4.53 -8.49 -18.20
N ILE A 69 -4.81 -7.25 -17.82
CA ILE A 69 -4.70 -6.87 -16.42
C ILE A 69 -5.72 -7.59 -15.55
N TRP A 70 -6.82 -8.04 -16.14
CA TRP A 70 -7.82 -8.82 -15.41
C TRP A 70 -7.36 -10.26 -15.24
N GLU A 71 -6.60 -10.78 -16.21
CA GLU A 71 -5.95 -12.08 -16.07
C GLU A 71 -4.99 -12.02 -14.89
N VAL A 72 -4.22 -10.93 -14.81
CA VAL A 72 -3.28 -10.74 -13.70
C VAL A 72 -4.01 -10.79 -12.37
N ILE A 73 -5.00 -9.92 -12.22
CA ILE A 73 -5.76 -9.80 -10.96
C ILE A 73 -6.46 -11.11 -10.62
N ARG A 74 -7.06 -11.73 -11.63
CA ARG A 74 -7.76 -13.00 -11.48
C ARG A 74 -6.84 -14.11 -11.01
N ASP A 75 -5.65 -14.21 -11.60
CA ASP A 75 -4.69 -15.25 -11.26
C ASP A 75 -4.17 -15.09 -9.82
N ILE A 76 -3.78 -13.87 -9.44
CA ILE A 76 -3.28 -13.59 -8.10
C ILE A 76 -4.32 -13.92 -7.03
N SER A 77 -5.53 -13.37 -7.21
CA SER A 77 -6.62 -13.62 -6.28
C SER A 77 -6.86 -15.12 -6.08
N SER A 78 -6.77 -15.87 -7.17
CA SER A 78 -7.14 -17.29 -7.15
C SER A 78 -6.02 -18.24 -6.72
N ASP A 79 -4.78 -17.92 -7.07
CA ASP A 79 -3.67 -18.88 -6.94
C ASP A 79 -2.75 -18.66 -5.74
N TYR A 80 -2.99 -17.62 -4.96
CA TYR A 80 -2.15 -17.35 -3.79
C TYR A 80 -3.00 -17.23 -2.53
N GLU A 81 -2.48 -17.77 -1.44
CA GLU A 81 -3.18 -17.74 -0.15
C GLU A 81 -3.00 -16.35 0.45
N ILE A 82 -3.87 -15.44 0.04
CA ILE A 82 -3.80 -14.05 0.48
C ILE A 82 -4.60 -13.87 1.75
N GLU A 83 -3.89 -13.62 2.85
CA GLU A 83 -4.53 -13.36 4.14
C GLU A 83 -3.76 -12.30 4.91
N ILE A 84 -4.44 -11.68 5.87
CA ILE A 84 -3.81 -10.76 6.81
C ILE A 84 -2.63 -11.41 7.54
N ASN A 85 -1.58 -10.63 7.78
CA ASN A 85 -0.44 -11.08 8.57
C ASN A 85 -0.39 -10.30 9.90
N ASN A 86 0.56 -10.68 10.76
CA ASN A 86 0.63 -10.11 12.11
C ASN A 86 0.85 -8.61 12.11
N GLY A 87 1.59 -8.12 11.12
CA GLY A 87 1.84 -6.70 10.96
C GLY A 87 0.55 -5.94 10.81
N HIS A 88 -0.37 -6.47 10.02
CA HIS A 88 -1.69 -5.85 9.85
C HIS A 88 -2.50 -5.87 11.14
N VAL A 89 -2.41 -6.97 11.88
CA VAL A 89 -3.08 -7.06 13.16
C VAL A 89 -2.44 -6.07 14.13
N ALA A 90 -1.11 -6.02 14.11
CA ALA A 90 -0.33 -5.06 14.90
C ALA A 90 -0.80 -3.63 14.70
N LEU A 91 -0.83 -3.20 13.44
CA LEU A 91 -1.28 -1.84 13.09
C LEU A 91 -2.70 -1.59 13.56
N SER A 92 -3.59 -2.54 13.26
CA SER A 92 -4.99 -2.42 13.68
C SER A 92 -5.10 -2.18 15.19
N THR A 93 -4.31 -2.90 15.98
CA THR A 93 -4.36 -2.74 17.43
C THR A 93 -3.73 -1.42 17.85
N LEU A 94 -2.72 -0.96 17.12
CA LEU A 94 -2.15 0.36 17.38
C LEU A 94 -3.17 1.48 17.16
N GLU A 95 -4.06 1.29 16.18
CA GLU A 95 -5.16 2.21 15.98
C GLU A 95 -6.20 2.06 17.10
N SER A 96 -6.39 0.82 17.57
CA SER A 96 -7.31 0.56 18.70
C SER A 96 -6.78 1.18 19.99
N LEU A 97 -5.46 1.16 20.17
CA LEU A 97 -4.81 1.76 21.34
C LEU A 97 -4.78 3.29 21.29
N GLY A 98 -5.17 3.88 20.16
CA GLY A 98 -5.38 5.32 20.05
C GLY A 98 -4.19 6.12 19.57
N TYR A 99 -3.19 5.44 19.02
CA TYR A 99 -1.97 6.10 18.53
C TYR A 99 -2.00 6.32 17.00
N LEU A 100 -2.30 5.27 16.24
CA LEU A 100 -2.27 5.34 14.77
C LEU A 100 -3.58 5.87 14.20
N LYS A 101 -3.51 7.01 13.51
CA LYS A 101 -4.69 7.74 13.05
C LYS A 101 -5.01 7.53 11.56
N SER A 102 -3.98 7.41 10.73
CA SER A 102 -4.20 7.14 9.31
C SER A 102 -3.13 6.22 8.71
N VAL A 103 -3.47 5.60 7.59
CA VAL A 103 -2.53 4.81 6.79
C VAL A 103 -2.62 5.27 5.34
N VAL A 104 -1.54 5.83 4.83
CA VAL A 104 -1.45 6.10 3.40
C VAL A 104 -0.75 4.93 2.74
N THR A 105 -1.43 4.24 1.83
CA THR A 105 -0.83 3.07 1.20
C THR A 105 -0.69 3.18 -0.32
N GLN A 106 0.28 2.45 -0.85
CA GLN A 106 0.46 2.31 -2.30
C GLN A 106 -0.05 0.94 -2.76
N ASN A 107 -0.44 0.10 -1.79
CA ASN A 107 -0.90 -1.25 -2.06
C ASN A 107 -2.31 -1.23 -2.58
N VAL A 108 -2.62 -2.16 -3.47
CA VAL A 108 -3.92 -2.23 -4.13
C VAL A 108 -4.75 -3.42 -3.61
N ASP A 109 -4.31 -4.03 -2.51
CA ASP A 109 -4.91 -5.26 -1.99
C ASP A 109 -5.98 -5.07 -0.90
N GLY A 110 -6.15 -3.84 -0.43
CA GLY A 110 -7.13 -3.54 0.63
C GLY A 110 -6.96 -4.28 1.96
N LEU A 111 -5.75 -4.69 2.28
CA LEU A 111 -5.53 -5.50 3.48
C LEU A 111 -5.60 -4.68 4.76
N HIS A 112 -5.04 -3.47 4.74
CA HIS A 112 -5.10 -2.60 5.91
C HIS A 112 -6.55 -2.45 6.40
N GLU A 113 -7.45 -2.12 5.48
CA GLU A 113 -8.88 -2.01 5.79
C GLU A 113 -9.40 -3.31 6.39
N ALA A 114 -9.04 -4.42 5.75
CA ALA A 114 -9.42 -5.74 6.21
C ALA A 114 -8.86 -6.03 7.61
N SER A 115 -7.72 -5.42 7.95
CA SER A 115 -7.13 -5.51 9.29
C SER A 115 -7.98 -4.82 10.36
N GLY A 116 -8.83 -3.88 9.95
CA GLY A 116 -9.64 -3.10 10.87
C GLY A 116 -9.14 -1.69 11.10
N ASN A 117 -8.27 -1.21 10.22
CA ASN A 117 -7.93 0.20 10.22
C ASN A 117 -9.08 0.99 9.58
N THR A 118 -9.25 2.23 10.04
CA THR A 118 -10.44 3.04 9.73
C THR A 118 -10.22 4.03 8.59
N LYS A 119 -9.03 4.63 8.53
CA LYS A 119 -8.76 5.69 7.56
C LYS A 119 -7.58 5.27 6.69
N VAL A 120 -7.90 4.68 5.54
CA VAL A 120 -6.90 4.19 4.62
C VAL A 120 -6.99 4.97 3.33
N ILE A 121 -5.92 5.66 3.01
CA ILE A 121 -5.84 6.43 1.78
C ILE A 121 -5.03 5.60 0.80
N SER A 122 -5.68 5.28 -0.33
CA SER A 122 -5.13 4.38 -1.33
C SER A 122 -4.57 5.17 -2.52
N LEU A 123 -3.28 5.46 -2.44
CA LEU A 123 -2.58 6.22 -3.47
C LEU A 123 -2.69 5.62 -4.88
N HIS A 124 -2.57 4.31 -4.98
CA HIS A 124 -2.57 3.62 -6.27
C HIS A 124 -3.88 2.93 -6.51
N GLY A 125 -4.94 3.43 -5.90
CA GLY A 125 -6.23 2.83 -6.09
C GLY A 125 -6.35 1.51 -5.38
N ASN A 126 -7.22 0.66 -5.89
CA ASN A 126 -7.74 -0.46 -5.12
C ASN A 126 -8.37 -1.48 -6.08
N VAL A 127 -8.07 -2.75 -5.85
CA VAL A 127 -8.48 -3.80 -6.79
C VAL A 127 -9.96 -4.19 -6.65
N PHE A 128 -10.65 -3.61 -5.67
CA PHE A 128 -12.06 -3.95 -5.39
C PHE A 128 -13.06 -2.91 -5.92
N GLU A 129 -12.59 -2.03 -6.81
CA GLU A 129 -13.50 -1.18 -7.59
C GLU A 129 -13.12 -1.30 -9.06
N ALA A 130 -14.12 -1.31 -9.94
CA ALA A 130 -13.91 -1.17 -11.37
C ALA A 130 -14.83 -0.07 -11.89
N VAL A 131 -14.49 0.49 -13.05
CA VAL A 131 -15.21 1.63 -13.61
C VAL A 131 -15.38 1.44 -15.11
N CYS A 132 -16.61 1.60 -15.58
CA CYS A 132 -16.89 1.46 -17.00
C CYS A 132 -16.21 2.58 -17.77
N CYS A 133 -15.50 2.22 -18.85
CA CYS A 133 -14.73 3.19 -19.63
C CYS A 133 -15.57 4.04 -20.60
N THR A 134 -16.88 3.87 -20.60
CA THR A 134 -17.71 4.70 -21.45
C THR A 134 -18.76 5.48 -20.66
N CYS A 135 -19.40 4.84 -19.68
CA CYS A 135 -20.44 5.51 -18.87
C CYS A 135 -20.00 5.82 -17.44
N ASN A 136 -18.81 5.40 -17.05
CA ASN A 136 -18.26 5.67 -15.70
C ASN A 136 -19.01 5.03 -14.52
N LYS A 137 -19.84 4.03 -14.79
CA LYS A 137 -20.44 3.26 -13.71
C LYS A 137 -19.33 2.65 -12.85
N ILE A 138 -19.46 2.81 -11.54
CA ILE A 138 -18.54 2.22 -10.57
C ILE A 138 -19.19 0.97 -10.02
N VAL A 139 -18.46 -0.14 -10.04
CA VAL A 139 -18.92 -1.38 -9.43
C VAL A 139 -17.90 -1.78 -8.36
N LYS A 140 -18.39 -1.99 -7.15
CA LYS A 140 -17.56 -2.43 -6.03
C LYS A 140 -17.47 -3.95 -6.09
N LEU A 141 -16.26 -4.48 -6.07
CA LEU A 141 -16.04 -5.92 -6.13
C LEU A 141 -15.59 -6.48 -4.78
N ASN A 142 -15.41 -7.80 -4.74
CA ASN A 142 -14.91 -8.49 -3.56
C ASN A 142 -14.19 -9.78 -3.94
N LYS A 143 -13.46 -10.35 -3.00
CA LYS A 143 -12.80 -11.65 -3.18
C LYS A 143 -13.55 -12.58 -4.12
N ILE A 144 -14.82 -12.82 -3.80
CA ILE A 144 -15.62 -13.84 -4.47
C ILE A 144 -15.78 -13.54 -5.96
N LEU A 146 -13.70 -11.80 -7.68
CA LEU A 146 -12.37 -11.83 -8.31
C LEU A 146 -11.88 -13.26 -8.58
N GLN A 147 -12.61 -14.27 -8.10
CA GLN A 147 -12.22 -15.67 -8.31
C GLN A 147 -12.42 -16.09 -9.76
N LYS A 148 -11.56 -17.01 -10.22
CA LYS A 148 -11.54 -17.43 -11.63
C LYS A 148 -12.84 -18.11 -12.08
N THR A 149 -13.60 -18.66 -11.14
CA THR A 149 -14.87 -19.31 -11.46
C THR A 149 -16.09 -18.38 -11.34
N SER A 150 -15.88 -17.11 -10.99
CA SER A 150 -17.01 -16.19 -10.74
C SER A 150 -17.68 -15.80 -12.05
N HIS A 151 -18.91 -15.30 -11.96
CA HIS A 151 -19.60 -14.81 -13.15
C HIS A 151 -18.90 -13.58 -13.70
N PHE A 152 -18.50 -12.70 -12.79
CA PHE A 152 -17.83 -11.46 -13.14
C PHE A 152 -16.59 -11.73 -14.00
N HIS A 154 -16.08 -14.42 -15.86
CA HIS A 154 -16.33 -15.43 -16.90
C HIS A 154 -15.96 -14.95 -18.31
N GLN A 155 -16.28 -13.70 -18.62
CA GLN A 155 -15.91 -13.08 -19.90
C GLN A 155 -15.02 -11.86 -19.65
N LEU A 156 -13.82 -11.86 -20.23
CA LEU A 156 -12.84 -10.78 -20.01
C LEU A 156 -12.58 -9.94 -21.28
N PRO A 157 -12.57 -8.61 -21.15
CA PRO A 157 -12.81 -7.83 -19.94
C PRO A 157 -14.28 -7.85 -19.54
N PRO A 158 -14.57 -7.77 -18.23
CA PRO A 158 -15.95 -7.68 -17.78
C PRO A 158 -16.63 -6.47 -18.40
N GLU A 159 -17.88 -6.63 -18.78
CA GLU A 159 -18.60 -5.62 -19.54
C GLU A 159 -19.64 -4.94 -18.68
N CYS A 160 -19.72 -3.61 -18.80
CA CYS A 160 -20.78 -2.85 -18.17
C CYS A 160 -22.08 -3.13 -18.92
N PRO A 161 -23.21 -3.04 -18.22
CA PRO A 161 -24.53 -3.05 -18.86
C PRO A 161 -24.66 -2.17 -20.10
N CYS A 162 -24.06 -0.98 -20.08
CA CYS A 162 -24.15 -0.06 -21.22
C CYS A 162 -23.48 -0.61 -22.47
N GLY A 163 -22.65 -1.65 -22.29
CA GLY A 163 -21.88 -2.23 -23.38
C GLY A 163 -20.41 -1.89 -23.26
N GLY A 164 -20.06 -0.97 -22.36
CA GLY A 164 -18.67 -0.58 -22.14
C GLY A 164 -17.85 -1.61 -21.40
N ILE A 165 -16.58 -1.27 -21.18
CA ILE A 165 -15.53 -2.16 -20.73
C ILE A 165 -15.11 -1.74 -19.33
N PHE A 166 -15.04 -2.68 -18.40
CA PHE A 166 -14.64 -2.35 -17.04
C PHE A 166 -13.14 -2.29 -16.87
N LYS A 167 -12.66 -1.16 -16.34
CA LYS A 167 -11.27 -0.96 -16.01
C LYS A 167 -11.08 -1.08 -14.49
N PRO A 168 -10.11 -1.90 -14.04
CA PRO A 168 -9.82 -1.94 -12.61
C PRO A 168 -9.39 -0.57 -12.10
N ASN A 169 -9.83 -0.21 -10.90
CA ASN A 169 -9.57 1.11 -10.35
C ASN A 169 -8.22 1.20 -9.65
N ILE A 170 -7.15 0.91 -10.38
CA ILE A 170 -5.80 0.97 -9.84
C ILE A 170 -4.93 1.74 -10.82
N ILE A 171 -3.90 2.42 -10.31
CA ILE A 171 -3.02 3.23 -11.15
C ILE A 171 -2.06 2.33 -11.96
N LEU A 172 -2.07 2.50 -13.28
CA LEU A 172 -1.19 1.74 -14.15
C LEU A 172 -0.02 2.59 -14.58
N PHE A 173 0.94 1.97 -15.24
CA PHE A 173 2.06 2.68 -15.82
C PHE A 173 1.55 3.66 -16.87
N GLY A 174 1.88 4.93 -16.68
CA GLY A 174 1.49 5.99 -17.60
C GLY A 174 0.37 6.87 -17.06
N GLU A 175 -0.17 6.47 -15.91
CA GLU A 175 -1.17 7.27 -15.19
C GLU A 175 -0.50 7.97 -14.01
N VAL A 176 -0.91 9.20 -13.74
CA VAL A 176 -0.47 9.93 -12.56
C VAL A 176 -1.51 9.81 -11.44
N VAL A 177 -1.04 9.80 -10.20
CA VAL A 177 -1.93 9.88 -9.04
C VAL A 177 -2.63 11.24 -9.08
N SER A 178 -3.94 11.22 -8.85
CA SER A 178 -4.74 12.43 -8.87
C SER A 178 -4.32 13.38 -7.74
N SER A 179 -4.45 14.67 -8.00
CA SER A 179 -4.04 15.71 -7.07
C SER A 179 -4.78 15.62 -5.74
N ASP A 180 -6.10 15.41 -5.79
CA ASP A 180 -6.94 15.39 -4.57
C ASP A 180 -6.62 14.25 -3.61
N LEU A 181 -6.16 13.13 -4.18
CA LEU A 181 -5.78 11.95 -3.41
C LEU A 181 -4.43 12.22 -2.75
N LEU A 182 -3.55 12.87 -3.52
CA LEU A 182 -2.26 13.30 -3.02
C LEU A 182 -2.42 14.29 -1.88
N LYS A 183 -3.37 15.21 -2.00
CA LYS A 183 -3.63 16.20 -0.95
C LYS A 183 -4.16 15.57 0.34
N GLU A 184 -5.10 14.63 0.23
CA GLU A 184 -5.58 13.90 1.40
C GLU A 184 -4.44 13.29 2.19
N ALA A 185 -3.43 12.80 1.48
CA ALA A 185 -2.22 12.23 2.10
C ALA A 185 -1.34 13.32 2.71
N GLU A 186 -1.13 14.41 1.99
CA GLU A 186 -0.42 15.55 2.53
C GLU A 186 -1.10 16.05 3.80
N GLU A 187 -2.41 16.32 3.72
CA GLU A 187 -3.17 16.85 4.85
C GLU A 187 -3.03 16.00 6.09
N GLU A 188 -2.99 14.68 5.92
CA GLU A 188 -2.83 13.77 7.07
C GLU A 188 -1.42 13.83 7.66
N ILE A 189 -0.41 13.90 6.81
CA ILE A 189 0.95 14.01 7.31
C ILE A 189 1.17 15.36 8.00
N ALA A 190 0.61 16.43 7.43
CA ALA A 190 0.81 17.77 7.96
C ALA A 190 0.52 17.84 9.46
N LYS A 191 -0.54 17.16 9.89
CA LYS A 191 -0.98 17.20 11.28
C LYS A 191 -0.52 16.01 12.13
N CYS A 192 0.40 15.20 11.61
CA CYS A 192 0.89 14.05 12.36
C CYS A 192 2.10 14.48 13.18
N ASP A 193 2.39 13.73 14.23
CA ASP A 193 3.60 13.96 15.01
C ASP A 193 4.64 12.84 14.83
N LEU A 194 4.25 11.78 14.12
CA LEU A 194 5.18 10.70 13.75
C LEU A 194 4.75 9.99 12.46
N LEU A 195 5.72 9.70 11.61
CA LEU A 195 5.47 9.00 10.35
C LEU A 195 6.28 7.70 10.28
N LEU A 196 5.55 6.58 10.20
CA LEU A 196 6.14 5.27 10.01
C LEU A 196 6.16 4.91 8.52
N VAL A 197 7.34 4.87 7.91
CA VAL A 197 7.44 4.41 6.53
C VAL A 197 7.68 2.90 6.58
N ILE A 198 6.60 2.13 6.46
CA ILE A 198 6.69 0.68 6.63
C ILE A 198 6.72 -0.06 5.29
N GLY A 199 7.84 -0.72 5.02
CA GLY A 199 7.94 -1.65 3.89
C GLY A 199 7.74 -0.99 2.55
N THR A 200 8.49 0.07 2.31
CA THR A 200 8.37 0.83 1.08
C THR A 200 9.60 1.71 0.89
N SER A 201 9.47 2.71 0.04
CA SER A 201 10.56 3.63 -0.28
C SER A 201 11.74 2.96 -0.97
N SER A 202 11.54 1.81 -1.60
CA SER A 202 12.62 1.16 -2.35
C SER A 202 13.23 2.16 -3.32
N THR A 203 12.35 2.89 -4.02
CA THR A 203 12.75 3.74 -5.13
C THR A 203 11.90 4.99 -5.16
N VAL A 204 12.40 6.02 -5.84
CA VAL A 204 11.65 7.26 -6.02
C VAL A 204 10.25 6.91 -6.52
N SER A 205 9.25 7.50 -5.87
CA SER A 205 7.86 7.13 -6.05
C SER A 205 6.99 8.15 -5.36
N THR A 206 5.68 7.95 -5.40
CA THR A 206 4.78 8.85 -4.69
C THR A 206 5.15 8.88 -3.22
N ALA A 207 5.60 7.75 -2.69
CA ALA A 207 5.88 7.59 -1.27
C ALA A 207 7.10 8.39 -0.83
N THR A 208 8.15 8.34 -1.65
CA THR A 208 9.35 9.13 -1.43
C THR A 208 9.01 10.60 -1.33
N ASN A 209 8.18 11.07 -2.26
CA ASN A 209 7.79 12.47 -2.27
C ASN A 209 7.01 12.86 -1.02
N LEU A 210 6.20 11.92 -0.51
CA LEU A 210 5.46 12.19 0.72
C LEU A 210 6.40 12.24 1.92
N CYS A 211 7.50 11.49 1.85
CA CYS A 211 8.53 11.57 2.89
C CYS A 211 9.26 12.90 2.83
N HIS A 212 9.52 13.38 1.63
CA HIS A 212 10.16 14.67 1.45
C HIS A 212 9.27 15.77 2.02
N PHE A 213 8.01 15.74 1.63
CA PHE A 213 7.01 16.63 2.21
C PHE A 213 7.08 16.64 3.73
N ALA A 214 7.22 15.45 4.32
CA ALA A 214 7.30 15.28 5.79
C ALA A 214 8.49 15.99 6.40
N CYS A 215 9.66 15.87 5.76
CA CYS A 215 10.85 16.61 6.17
C CYS A 215 10.63 18.09 6.10
N LYS A 216 10.16 18.58 4.96
CA LYS A 216 9.85 19.99 4.78
C LYS A 216 8.97 20.48 5.93
N LYS A 217 8.06 19.64 6.40
CA LYS A 217 7.22 19.96 7.56
C LYS A 217 7.81 19.49 8.92
N LYS A 218 9.12 19.23 8.95
CA LYS A 218 9.85 18.92 10.18
C LYS A 218 9.26 17.78 11.03
N LYS A 219 8.71 16.76 10.37
CA LYS A 219 8.13 15.61 11.07
C LYS A 219 9.13 14.49 11.30
N LYS A 220 9.07 13.91 12.50
CA LYS A 220 9.91 12.78 12.88
C LYS A 220 9.51 11.57 12.04
N ILE A 221 10.48 11.00 11.31
CA ILE A 221 10.22 9.86 10.44
C ILE A 221 10.88 8.60 10.98
N VAL A 222 10.14 7.50 11.01
CA VAL A 222 10.70 6.23 11.43
C VAL A 222 10.50 5.20 10.34
N GLU A 223 11.60 4.57 9.94
CA GLU A 223 11.60 3.63 8.84
C GLU A 223 11.58 2.22 9.43
N ILE A 224 10.68 1.39 8.94
CA ILE A 224 10.63 -0.02 9.34
C ILE A 224 10.72 -0.86 8.09
N ASN A 225 11.81 -1.60 7.95
CA ASN A 225 12.10 -2.30 6.71
C ASN A 225 13.20 -3.33 6.93
N ILE A 226 13.14 -4.42 6.17
CA ILE A 226 14.15 -5.48 6.27
C ILE A 226 15.52 -5.02 5.74
N SER A 227 15.54 -3.95 4.95
CA SER A 227 16.78 -3.37 4.44
C SER A 227 16.73 -1.86 4.51
N LYS A 228 17.86 -1.22 4.20
CA LYS A 228 17.92 0.23 4.04
C LYS A 228 17.21 0.59 2.72
N THR A 229 16.89 1.87 2.54
CA THR A 229 16.15 2.32 1.36
C THR A 229 16.62 3.70 0.86
N TYR A 230 15.85 4.28 -0.06
CA TYR A 230 16.19 5.59 -0.65
C TYR A 230 16.18 6.74 0.35
N ILE A 231 15.30 6.68 1.34
CA ILE A 231 15.15 7.77 2.31
C ILE A 231 16.15 7.66 3.48
N THR A 232 16.77 6.49 3.61
CA THR A 232 17.75 6.27 4.68
C THR A 232 18.96 7.18 4.49
N ASN A 233 19.36 7.81 5.58
CA ASN A 233 20.41 8.85 5.57
C ASN A 233 20.18 9.89 4.47
N LYS A 234 18.91 10.27 4.33
CA LYS A 234 18.45 11.26 3.36
C LYS A 234 17.29 12.04 3.98
N SER A 236 14.86 9.99 6.55
CA SER A 236 14.40 9.28 7.74
C SER A 236 15.28 9.63 8.93
N ASP A 237 14.66 9.71 10.11
CA ASP A 237 15.35 10.07 11.34
C ASP A 237 15.85 8.82 12.07
N TYR A 238 15.04 7.77 12.01
CA TYR A 238 15.41 6.48 12.59
C TYR A 238 15.08 5.34 11.62
N HIS A 239 15.75 4.20 11.84
CA HIS A 239 15.49 2.99 11.05
C HIS A 239 15.37 1.77 11.95
N VAL A 240 14.27 1.03 11.80
CA VAL A 240 14.09 -0.22 12.52
C VAL A 240 14.22 -1.36 11.52
N CYS A 241 15.27 -2.16 11.65
CA CYS A 241 15.48 -3.30 10.76
C CYS A 241 14.68 -4.50 11.28
N ALA A 242 13.48 -4.64 10.75
CA ALA A 242 12.58 -5.71 11.16
C ALA A 242 11.62 -5.98 10.04
N LYS A 243 11.12 -7.21 9.98
CA LYS A 243 10.06 -7.56 9.05
C LYS A 243 8.76 -6.97 9.59
N PHE A 244 7.83 -6.65 8.70
CA PHE A 244 6.53 -6.07 9.06
C PHE A 244 5.87 -6.85 10.20
N SER A 245 5.81 -8.17 10.08
CA SER A 245 5.13 -9.01 11.09
C SER A 245 5.73 -8.95 12.50
N GLU A 246 6.95 -8.45 12.64
CA GLU A 246 7.56 -8.29 13.96
C GLU A 246 7.01 -7.07 14.72
N LEU A 247 6.04 -6.36 14.14
CA LEU A 247 5.39 -5.26 14.84
C LEU A 247 4.53 -5.70 16.02
N THR A 248 4.10 -6.96 16.03
CA THR A 248 3.38 -7.48 17.18
C THR A 248 4.23 -7.36 18.46
N LYS A 249 5.55 -7.49 18.33
CA LYS A 249 6.46 -7.21 19.44
C LYS A 249 6.20 -5.81 20.01
N VAL A 250 5.94 -4.85 19.12
CA VAL A 250 5.68 -3.47 19.53
C VAL A 250 4.27 -3.27 20.08
N ALA A 251 3.27 -3.84 19.41
CA ALA A 251 1.88 -3.73 19.85
C ALA A 251 1.66 -4.35 21.24
N ASN A 252 2.29 -5.50 21.49
CA ASN A 252 2.16 -6.17 22.78
C ASN A 252 2.64 -5.32 23.95
N ILE A 253 3.76 -4.61 23.74
CA ILE A 253 4.36 -3.78 24.78
C ILE A 253 3.46 -2.60 25.16
N LEU A 254 2.95 -1.91 24.14
CA LEU A 254 2.07 -0.74 24.35
C LEU A 254 0.66 -1.13 24.81
N LYS A 255 0.30 -2.40 24.63
CA LYS A 255 -0.97 -2.92 25.15
C LYS A 255 -0.93 -2.95 26.67
N GLY A 256 0.16 -3.46 27.23
CA GLY A 256 0.35 -3.48 28.67
C GLY A 256 0.64 -2.09 29.23
#